data_6S9L
#
_entry.id   6S9L
#
_cell.length_a   59.350
_cell.length_b   80.260
_cell.length_c   122.720
_cell.angle_alpha   90.000
_cell.angle_beta   90.000
_cell.angle_gamma   90.000
#
_symmetry.space_group_name_H-M   'P 21 21 21'
#
loop_
_entity.id
_entity.type
_entity.pdbx_description
1 polymer 'KR4KLSF Lock1'
2 polymer LYS-ARG-LYS-ARG-LYS-ARG-LYS-ARG-LYS-LEU-SER-PHE
3 non-polymer (4S)-2-METHYL-2,4-PENTANEDIOL
4 water water
#
loop_
_entity_poly.entity_id
_entity_poly.type
_entity_poly.pdbx_seq_one_letter_code
_entity_poly.pdbx_strand_id
1 'polypeptide(L)'
;GPGSELPQMVQQLNSPDQQELQSALWKLRNIASGGNEQIQAVIDAGALPALVQLLSSPNEQILSSALGALSNIASGGNEQ
IQAVIDAGALPALVQLLSSPNEQILQLALWALSNIASGGNEQIQAVIDAGALPALVQLLSSPNEQILQEALWALSNIASG
GNEQIQAVIDAGALPALVQLLSSPNEQILQEALWALSNIASGGNEQIQAVIDAGALPALVQLLSSPNEQILQEALWALSN
IASGGNEQKQAVKEAGALEKLEQLQSHENEKIQKEAQEALEKLQSH
;
A,B
2 'polypeptide(L)' KRKRKRKRKLSF C,D
#
# COMPACT_ATOMS: atom_id res chain seq x y z
N PRO A 2 -11.98 -14.90 26.91
CA PRO A 2 -12.53 -16.19 26.44
C PRO A 2 -13.07 -16.09 25.02
N GLY A 3 -12.52 -16.89 24.10
CA GLY A 3 -12.99 -16.87 22.73
C GLY A 3 -14.46 -17.19 22.59
N SER A 4 -15.02 -17.92 23.56
CA SER A 4 -16.45 -18.21 23.54
C SER A 4 -17.30 -16.96 23.74
N GLU A 5 -16.73 -15.89 24.31
CA GLU A 5 -17.51 -14.69 24.59
C GLU A 5 -17.84 -13.90 23.32
N LEU A 6 -17.05 -14.05 22.26
CA LEU A 6 -17.29 -13.26 21.05
C LEU A 6 -18.56 -13.70 20.33
N PRO A 7 -18.83 -15.01 20.13
CA PRO A 7 -20.14 -15.38 19.58
C PRO A 7 -21.30 -14.96 20.46
N GLN A 8 -21.13 -14.98 21.79
CA GLN A 8 -22.19 -14.51 22.67
C GLN A 8 -22.37 -13.01 22.56
N MET A 9 -21.28 -12.26 22.39
CA MET A 9 -21.38 -10.84 22.12
C MET A 9 -22.12 -10.58 20.81
N VAL A 10 -21.80 -11.34 19.77
CA VAL A 10 -22.50 -11.22 18.50
C VAL A 10 -23.97 -11.60 18.67
N GLN A 11 -24.24 -12.57 19.54
CA GLN A 11 -25.63 -12.96 19.80
C GLN A 11 -26.39 -11.84 20.49
N GLN A 12 -25.73 -11.10 21.39
CA GLN A 12 -26.39 -10.00 22.07
C GLN A 12 -26.69 -8.83 21.14
N LEU A 13 -26.14 -8.82 19.92
CA LEU A 13 -26.48 -7.77 18.98
C LEU A 13 -27.93 -7.88 18.50
N ASN A 14 -28.57 -9.01 18.73
CA ASN A 14 -29.99 -9.19 18.44
C ASN A 14 -30.85 -9.01 19.69
N SER A 15 -30.29 -8.48 20.77
CA SER A 15 -31.04 -8.37 22.01
C SER A 15 -32.07 -7.24 21.90
N PRO A 16 -33.30 -7.48 22.36
CA PRO A 16 -34.29 -6.39 22.40
C PRO A 16 -33.99 -5.34 23.47
N ASP A 17 -33.08 -5.61 24.39
CA ASP A 17 -32.76 -4.70 25.47
C ASP A 17 -31.64 -3.74 25.06
N GLN A 18 -31.80 -2.47 25.44
CA GLN A 18 -30.86 -1.45 25.00
C GLN A 18 -29.49 -1.62 25.65
N GLN A 19 -29.45 -1.91 26.95
CA GLN A 19 -28.17 -1.93 27.66
C GLN A 19 -27.38 -3.20 27.33
N GLU A 20 -28.07 -4.30 27.07
CA GLU A 20 -27.39 -5.46 26.49
C GLU A 20 -26.78 -5.11 25.14
N LEU A 21 -27.54 -4.41 24.29
CA LEU A 21 -27.04 -3.98 23.00
C LEU A 21 -25.84 -3.06 23.15
N GLN A 22 -25.94 -2.08 24.04
CA GLN A 22 -24.84 -1.15 24.24
C GLN A 22 -23.60 -1.84 24.80
N SER A 23 -23.80 -2.82 25.69
CA SER A 23 -22.67 -3.50 26.31
C SER A 23 -21.92 -4.35 25.29
N ALA A 24 -22.65 -5.07 24.45
CA ALA A 24 -22.01 -5.87 23.42
C ALA A 24 -21.30 -4.98 22.39
N LEU A 25 -21.90 -3.85 22.05
CA LEU A 25 -21.28 -2.94 21.09
C LEU A 25 -20.01 -2.32 21.68
N TRP A 26 -19.99 -2.04 22.98
CA TRP A 26 -18.79 -1.52 23.61
C TRP A 26 -17.68 -2.55 23.61
N LYS A 27 -18.01 -3.81 23.90
CA LYS A 27 -17.00 -4.86 23.88
C LYS A 27 -16.41 -5.03 22.48
N LEU A 28 -17.27 -5.06 21.47
CA LEU A 28 -16.79 -5.17 20.09
C LEU A 28 -15.94 -3.97 19.72
N ARG A 29 -16.42 -2.77 20.04
CA ARG A 29 -15.63 -1.57 19.82
C ARG A 29 -14.32 -1.60 20.62
N ASN A 30 -14.36 -2.19 21.81
CA ASN A 30 -13.14 -2.36 22.60
C ASN A 30 -12.15 -3.27 21.88
N ILE A 31 -12.61 -4.45 21.46
CA ILE A 31 -11.71 -5.43 20.86
C ILE A 31 -11.13 -4.91 19.55
N ALA A 32 -11.96 -4.26 18.73
CA ALA A 32 -11.49 -3.70 17.47
C ALA A 32 -10.54 -2.53 17.67
N SER A 33 -10.32 -2.09 18.90
CA SER A 33 -9.30 -1.07 19.18
C SER A 33 -7.89 -1.62 19.18
N GLY A 34 -7.73 -2.94 19.12
CA GLY A 34 -6.42 -3.57 19.10
C GLY A 34 -5.87 -3.72 17.69
N GLY A 35 -5.01 -4.71 17.53
CA GLY A 35 -4.41 -4.98 16.24
C GLY A 35 -5.35 -5.72 15.31
N ASN A 36 -4.81 -6.07 14.14
CA ASN A 36 -5.60 -6.79 13.14
C ASN A 36 -6.06 -8.15 13.66
N GLU A 37 -5.26 -8.78 14.51
CA GLU A 37 -5.62 -10.08 15.05
C GLU A 37 -6.89 -9.98 15.89
N GLN A 38 -7.06 -8.89 16.64
CA GLN A 38 -8.29 -8.69 17.40
C GLN A 38 -9.47 -8.38 16.49
N ILE A 39 -9.25 -7.54 15.48
CA ILE A 39 -10.31 -7.22 14.54
C ILE A 39 -10.75 -8.47 13.77
N GLN A 40 -9.79 -9.36 13.47
CA GLN A 40 -10.13 -10.58 12.74
C GLN A 40 -11.00 -11.49 13.59
N ALA A 41 -10.77 -11.52 14.91
CA ALA A 41 -11.61 -12.35 15.77
C ALA A 41 -13.04 -11.83 15.82
N VAL A 42 -13.22 -10.51 15.78
CA VAL A 42 -14.57 -9.94 15.74
C VAL A 42 -15.26 -10.32 14.44
N ILE A 43 -14.55 -10.23 13.31
CA ILE A 43 -15.15 -10.57 12.03
C ILE A 43 -15.47 -12.05 11.96
N ASP A 44 -14.54 -12.90 12.41
CA ASP A 44 -14.76 -14.34 12.38
C ASP A 44 -15.92 -14.77 13.26
N ALA A 45 -16.26 -13.97 14.28
CA ALA A 45 -17.42 -14.25 15.12
C ALA A 45 -18.74 -13.88 14.44
N GLY A 46 -18.68 -13.29 13.24
CA GLY A 46 -19.89 -12.95 12.53
C GLY A 46 -20.55 -11.67 12.96
N ALA A 47 -19.79 -10.69 13.42
CA ALA A 47 -20.37 -9.44 13.93
C ALA A 47 -20.76 -8.47 12.83
N LEU A 48 -20.15 -8.56 11.65
CA LEU A 48 -20.41 -7.59 10.60
C LEU A 48 -21.85 -7.58 10.11
N PRO A 49 -22.53 -8.72 9.87
CA PRO A 49 -23.92 -8.65 9.43
C PRO A 49 -24.85 -7.93 10.40
N ALA A 50 -24.73 -8.21 11.70
CA ALA A 50 -25.57 -7.53 12.68
C ALA A 50 -25.18 -6.05 12.80
N LEU A 51 -23.89 -5.75 12.71
CA LEU A 51 -23.45 -4.36 12.79
C LEU A 51 -24.00 -3.54 11.63
N VAL A 52 -24.02 -4.11 10.43
CA VAL A 52 -24.56 -3.40 9.27
C VAL A 52 -26.06 -3.18 9.42
N GLN A 53 -26.77 -4.15 10.01
N GLN A 53 -26.77 -4.15 10.01
CA GLN A 53 -28.20 -3.99 10.20
CA GLN A 53 -28.20 -4.00 10.21
C GLN A 53 -28.51 -2.90 11.21
C GLN A 53 -28.51 -2.90 11.21
N LEU A 54 -27.67 -2.75 12.24
CA LEU A 54 -27.87 -1.72 13.24
C LEU A 54 -27.65 -0.31 12.70
N LEU A 55 -27.09 -0.18 11.49
CA LEU A 55 -27.00 1.13 10.85
C LEU A 55 -28.37 1.67 10.47
N SER A 56 -29.41 0.83 10.45
CA SER A 56 -30.77 1.25 10.19
C SER A 56 -31.54 1.49 11.48
N SER A 57 -30.87 1.50 12.63
CA SER A 57 -31.54 1.74 13.89
C SER A 57 -31.99 3.19 13.99
N PRO A 58 -33.23 3.45 14.43
CA PRO A 58 -33.63 4.83 14.69
C PRO A 58 -33.10 5.40 15.99
N ASN A 59 -32.64 4.54 16.90
CA ASN A 59 -32.08 5.01 18.16
C ASN A 59 -30.73 5.69 17.91
N GLU A 60 -30.56 6.89 18.47
CA GLU A 60 -29.33 7.64 18.24
C GLU A 60 -28.13 6.96 18.90
N GLN A 61 -28.30 6.47 20.13
CA GLN A 61 -27.17 5.88 20.85
C GLN A 61 -26.76 4.54 20.26
N ILE A 62 -27.74 3.75 19.81
CA ILE A 62 -27.42 2.46 19.19
C ILE A 62 -26.71 2.67 17.87
N LEU A 63 -27.16 3.65 17.08
CA LEU A 63 -26.53 3.93 15.80
C LEU A 63 -25.10 4.42 15.99
N SER A 64 -24.85 5.21 17.04
CA SER A 64 -23.51 5.69 17.30
C SER A 64 -22.57 4.57 17.71
N SER A 65 -23.02 3.68 18.58
CA SER A 65 -22.18 2.58 19.05
C SER A 65 -21.86 1.62 17.90
N ALA A 66 -22.83 1.37 17.02
CA ALA A 66 -22.58 0.50 15.87
C ALA A 66 -21.61 1.15 14.89
N LEU A 67 -21.75 2.46 14.67
CA LEU A 67 -20.82 3.16 13.79
C LEU A 67 -19.41 3.15 14.35
N GLY A 68 -19.27 3.33 15.67
CA GLY A 68 -17.95 3.29 16.27
C GLY A 68 -17.31 1.92 16.19
N ALA A 69 -18.11 0.87 16.30
CA ALA A 69 -17.58 -0.48 16.17
C ALA A 69 -17.15 -0.77 14.73
N LEU A 70 -17.97 -0.36 13.76
CA LEU A 70 -17.59 -0.51 12.36
C LEU A 70 -16.37 0.35 12.02
N SER A 71 -16.32 1.56 12.58
CA SER A 71 -15.15 2.42 12.36
C SER A 71 -13.86 1.72 12.79
N ASN A 72 -13.85 1.13 13.97
CA ASN A 72 -12.64 0.50 14.49
C ASN A 72 -12.27 -0.74 13.68
N ILE A 73 -13.28 -1.49 13.23
CA ILE A 73 -13.00 -2.65 12.38
C ILE A 73 -12.38 -2.20 11.05
N ALA A 74 -12.85 -1.07 10.52
CA ALA A 74 -12.32 -0.53 9.27
C ALA A 74 -10.91 0.03 9.42
N SER A 75 -10.35 0.05 10.63
CA SER A 75 -8.98 0.50 10.85
C SER A 75 -7.97 -0.63 10.70
N GLY A 76 -8.40 -1.81 10.29
CA GLY A 76 -7.52 -2.95 10.14
C GLY A 76 -6.94 -3.09 8.75
N GLY A 77 -6.58 -4.33 8.40
CA GLY A 77 -5.99 -4.60 7.10
C GLY A 77 -6.98 -4.45 5.97
N ASN A 78 -6.43 -4.50 4.74
CA ASN A 78 -7.25 -4.28 3.55
C ASN A 78 -8.29 -5.37 3.38
N GLU A 79 -7.94 -6.62 3.71
CA GLU A 79 -8.92 -7.70 3.59
C GLU A 79 -9.98 -7.62 4.68
N GLN A 80 -9.69 -6.96 5.81
CA GLN A 80 -10.71 -6.74 6.82
C GLN A 80 -11.58 -5.54 6.46
N ILE A 81 -11.00 -4.51 5.85
CA ILE A 81 -11.80 -3.44 5.27
C ILE A 81 -12.70 -3.99 4.17
N GLN A 82 -12.17 -4.94 3.37
CA GLN A 82 -12.96 -5.54 2.31
C GLN A 82 -14.13 -6.33 2.88
N ALA A 83 -13.95 -6.95 4.05
CA ALA A 83 -15.07 -7.63 4.71
C ALA A 83 -16.15 -6.64 5.11
N VAL A 84 -15.76 -5.44 5.55
CA VAL A 84 -16.74 -4.40 5.85
C VAL A 84 -17.49 -4.02 4.58
N ILE A 85 -16.78 -3.93 3.45
CA ILE A 85 -17.43 -3.59 2.18
C ILE A 85 -18.35 -4.71 1.75
N ASP A 86 -17.88 -5.96 1.80
CA ASP A 86 -18.68 -7.09 1.35
C ASP A 86 -19.90 -7.33 2.23
N ALA A 87 -19.90 -6.79 3.46
CA ALA A 87 -21.06 -6.89 4.34
C ALA A 87 -22.15 -5.88 4.01
N GLY A 88 -21.88 -4.95 3.09
CA GLY A 88 -22.89 -3.99 2.68
C GLY A 88 -22.95 -2.73 3.51
N ALA A 89 -21.83 -2.30 4.10
CA ALA A 89 -21.86 -1.13 4.97
C ALA A 89 -21.89 0.18 4.18
N LEU A 90 -21.39 0.18 2.94
CA LEU A 90 -21.20 1.44 2.22
C LEU A 90 -22.51 2.14 1.90
N PRO A 91 -23.55 1.49 1.36
CA PRO A 91 -24.78 2.23 1.06
C PRO A 91 -25.39 2.89 2.28
N ALA A 92 -25.27 2.29 3.47
CA ALA A 92 -25.81 2.93 4.67
C ALA A 92 -24.95 4.11 5.09
N LEU A 93 -23.63 3.99 4.98
CA LEU A 93 -22.74 5.09 5.37
C LEU A 93 -22.96 6.31 4.49
N VAL A 94 -23.19 6.09 3.19
CA VAL A 94 -23.44 7.22 2.29
C VAL A 94 -24.76 7.89 2.63
N GLN A 95 -25.79 7.09 2.95
CA GLN A 95 -27.06 7.68 3.38
C GLN A 95 -26.89 8.48 4.67
N LEU A 96 -26.09 7.96 5.60
CA LEU A 96 -25.84 8.67 6.87
C LEU A 96 -25.05 9.95 6.68
N LEU A 97 -24.44 10.17 5.50
CA LEU A 97 -23.76 11.42 5.24
C LEU A 97 -24.70 12.61 5.13
N SER A 98 -26.00 12.37 5.05
N SER A 98 -26.00 12.37 5.05
CA SER A 98 -27.00 13.44 4.97
CA SER A 98 -26.99 13.44 4.98
C SER A 98 -27.81 13.54 6.26
C SER A 98 -27.81 13.56 6.26
N SER A 99 -27.33 12.96 7.36
CA SER A 99 -28.09 13.00 8.60
C SER A 99 -27.94 14.37 9.27
N PRO A 100 -29.02 14.93 9.82
CA PRO A 100 -28.89 16.20 10.54
C PRO A 100 -28.19 16.07 11.89
N ASN A 101 -28.04 14.85 12.40
CA ASN A 101 -27.33 14.64 13.66
C ASN A 101 -25.83 14.70 13.40
N GLU A 102 -25.17 15.65 14.05
CA GLU A 102 -23.73 15.87 13.82
C GLU A 102 -22.90 14.75 14.42
N GLN A 103 -23.33 14.21 15.57
CA GLN A 103 -22.62 13.07 16.15
C GLN A 103 -22.69 11.85 15.23
N ILE A 104 -23.87 11.59 14.67
CA ILE A 104 -24.01 10.48 13.72
C ILE A 104 -23.19 10.75 12.47
N LEU A 105 -23.27 11.98 11.94
CA LEU A 105 -22.55 12.32 10.72
C LEU A 105 -21.04 12.22 10.93
N GLN A 106 -20.55 12.63 12.11
CA GLN A 106 -19.13 12.54 12.39
C GLN A 106 -18.67 11.08 12.42
N LEU A 107 -19.44 10.20 13.06
CA LEU A 107 -19.05 8.80 13.16
C LEU A 107 -19.13 8.10 11.80
N ALA A 108 -20.12 8.46 10.98
CA ALA A 108 -20.18 7.91 9.63
C ALA A 108 -18.99 8.35 8.80
N LEU A 109 -18.52 9.59 9.01
CA LEU A 109 -17.34 10.06 8.32
C LEU A 109 -16.08 9.35 8.82
N TRP A 110 -16.03 9.01 10.11
CA TRP A 110 -14.91 8.25 10.64
C TRP A 110 -14.81 6.88 9.98
N ALA A 111 -15.95 6.18 9.88
CA ALA A 111 -15.95 4.85 9.28
C ALA A 111 -15.57 4.90 7.80
N LEU A 112 -16.14 5.85 7.06
CA LEU A 112 -15.81 5.96 5.64
C LEU A 112 -14.35 6.31 5.43
N SER A 113 -13.80 7.15 6.29
CA SER A 113 -12.38 7.52 6.16
C SER A 113 -11.48 6.32 6.40
N ASN A 114 -11.79 5.51 7.42
CA ASN A 114 -10.99 4.32 7.68
C ASN A 114 -11.07 3.33 6.52
N ILE A 115 -12.27 3.18 5.94
CA ILE A 115 -12.42 2.32 4.78
C ILE A 115 -11.58 2.84 3.62
N ALA A 116 -11.58 4.16 3.42
CA ALA A 116 -10.77 4.78 2.38
C ALA A 116 -9.28 4.78 2.70
N SER A 117 -8.89 4.30 3.87
CA SER A 117 -7.48 4.17 4.23
C SER A 117 -6.86 2.88 3.70
N GLY A 118 -7.63 2.04 3.03
CA GLY A 118 -7.15 0.76 2.54
C GLY A 118 -6.54 0.86 1.16
N GLY A 119 -6.60 -0.26 0.44
CA GLY A 119 -6.06 -0.32 -0.90
C GLY A 119 -6.95 0.36 -1.92
N ASN A 120 -6.50 0.33 -3.18
CA ASN A 120 -7.25 0.96 -4.25
C ASN A 120 -8.59 0.29 -4.49
N GLU A 121 -8.66 -1.03 -4.28
N GLU A 121 -8.66 -1.04 -4.30
CA GLU A 121 -9.92 -1.76 -4.42
CA GLU A 121 -9.94 -1.72 -4.44
C GLU A 121 -10.93 -1.30 -3.37
C GLU A 121 -10.94 -1.23 -3.38
N GLN A 122 -10.46 -1.01 -2.16
CA GLN A 122 -11.35 -0.55 -1.10
C GLN A 122 -11.76 0.90 -1.30
N ILE A 123 -10.83 1.73 -1.81
CA ILE A 123 -11.16 3.13 -2.09
C ILE A 123 -12.15 3.22 -3.24
N GLN A 124 -11.99 2.38 -4.26
CA GLN A 124 -12.90 2.42 -5.40
C GLN A 124 -14.32 2.03 -5.01
N ALA A 125 -14.46 1.11 -4.04
CA ALA A 125 -15.80 0.76 -3.57
C ALA A 125 -16.48 1.95 -2.90
N VAL A 126 -15.71 2.77 -2.19
CA VAL A 126 -16.25 4.00 -1.63
C VAL A 126 -16.71 4.93 -2.74
N ILE A 127 -15.93 5.03 -3.81
CA ILE A 127 -16.29 5.88 -4.94
C ILE A 127 -17.54 5.35 -5.62
N ASP A 128 -17.60 4.04 -5.85
CA ASP A 128 -18.71 3.45 -6.60
C ASP A 128 -20.01 3.47 -5.81
N ALA A 129 -19.96 3.63 -4.49
CA ALA A 129 -21.17 3.76 -3.69
C ALA A 129 -21.71 5.18 -3.68
N GLY A 130 -21.05 6.12 -4.36
CA GLY A 130 -21.52 7.49 -4.42
C GLY A 130 -21.19 8.33 -3.22
N ALA A 131 -20.00 8.16 -2.64
CA ALA A 131 -19.64 8.94 -1.47
C ALA A 131 -19.12 10.32 -1.82
N LEU A 132 -18.54 10.49 -3.02
CA LEU A 132 -17.82 11.72 -3.34
C LEU A 132 -18.70 12.97 -3.35
N PRO A 133 -19.82 13.02 -4.09
CA PRO A 133 -20.59 14.27 -4.10
C PRO A 133 -21.18 14.64 -2.74
N ALA A 134 -21.43 13.66 -1.87
CA ALA A 134 -21.83 13.98 -0.51
C ALA A 134 -20.68 14.52 0.31
N LEU A 135 -19.47 13.96 0.11
CA LEU A 135 -18.29 14.47 0.80
C LEU A 135 -17.96 15.88 0.35
N VAL A 136 -18.08 16.15 -0.96
CA VAL A 136 -17.80 17.49 -1.47
C VAL A 136 -18.82 18.48 -0.93
N GLN A 137 -20.08 18.06 -0.79
CA GLN A 137 -21.10 18.95 -0.25
C GLN A 137 -20.81 19.33 1.19
N LEU A 138 -20.25 18.41 1.97
CA LEU A 138 -19.92 18.69 3.37
C LEU A 138 -18.75 19.66 3.51
N LEU A 139 -18.04 19.96 2.43
CA LEU A 139 -17.03 21.01 2.47
C LEU A 139 -17.64 22.40 2.60
N SER A 140 -18.95 22.51 2.43
CA SER A 140 -19.67 23.76 2.65
C SER A 140 -20.33 23.83 4.02
N SER A 141 -20.01 22.89 4.90
CA SER A 141 -20.64 22.85 6.21
C SER A 141 -20.15 24.02 7.06
N PRO A 142 -21.03 24.62 7.88
CA PRO A 142 -20.58 25.62 8.84
C PRO A 142 -19.87 25.01 10.04
N ASN A 143 -20.09 23.73 10.30
CA ASN A 143 -19.43 23.03 11.40
C ASN A 143 -17.98 22.78 11.05
N GLU A 144 -17.06 23.37 11.81
CA GLU A 144 -15.63 23.18 11.53
C GLU A 144 -15.21 21.74 11.78
N GLN A 145 -15.89 21.03 12.69
CA GLN A 145 -15.53 19.64 12.98
C GLN A 145 -15.96 18.73 11.84
N ILE A 146 -17.20 18.86 11.38
CA ILE A 146 -17.66 18.08 10.23
C ILE A 146 -16.80 18.39 9.01
N LEU A 147 -16.39 19.65 8.87
CA LEU A 147 -15.52 20.04 7.76
C LEU A 147 -14.20 19.29 7.80
N GLN A 148 -13.61 19.13 8.99
CA GLN A 148 -12.35 18.41 9.09
C GLN A 148 -12.53 16.94 8.74
N GLU A 149 -13.63 16.33 9.18
CA GLU A 149 -13.86 14.91 8.91
C GLU A 149 -14.05 14.67 7.41
N ALA A 150 -14.73 15.60 6.72
CA ALA A 150 -14.88 15.46 5.28
C ALA A 150 -13.55 15.60 4.56
N LEU A 151 -12.65 16.44 5.08
CA LEU A 151 -11.32 16.58 4.48
C LEU A 151 -10.48 15.34 4.73
N TRP A 152 -10.61 14.73 5.91
N TRP A 152 -10.61 14.72 5.90
CA TRP A 152 -9.89 13.49 6.19
CA TRP A 152 -9.89 13.49 6.18
C TRP A 152 -10.33 12.37 5.23
C TRP A 152 -10.33 12.37 5.24
N ALA A 153 -11.64 12.26 5.00
CA ALA A 153 -12.14 11.22 4.10
C ALA A 153 -11.70 11.46 2.66
N LEU A 154 -11.80 12.71 2.20
CA LEU A 154 -11.40 13.02 0.82
C LEU A 154 -9.90 12.84 0.61
N SER A 155 -9.09 13.11 1.64
CA SER A 155 -7.64 12.94 1.51
C SER A 155 -7.27 11.48 1.40
N ASN A 156 -7.96 10.61 2.16
CA ASN A 156 -7.67 9.18 2.08
C ASN A 156 -8.09 8.60 0.74
N ILE A 157 -9.21 9.08 0.18
CA ILE A 157 -9.60 8.66 -1.16
C ILE A 157 -8.58 9.14 -2.18
N ALA A 158 -8.05 10.36 -2.00
CA ALA A 158 -7.01 10.89 -2.87
C ALA A 158 -5.65 10.27 -2.61
N SER A 159 -5.56 9.29 -1.71
CA SER A 159 -4.31 8.58 -1.45
C SER A 159 -4.16 7.32 -2.30
N GLY A 160 -5.17 6.99 -3.10
CA GLY A 160 -5.12 5.82 -3.96
C GLY A 160 -4.42 6.12 -5.26
N GLY A 161 -4.75 5.32 -6.28
CA GLY A 161 -4.16 5.47 -7.59
C GLY A 161 -4.70 6.70 -8.31
N ASN A 162 -4.19 6.89 -9.53
CA ASN A 162 -4.59 8.05 -10.33
C ASN A 162 -6.08 8.02 -10.67
N GLU A 163 -6.65 6.82 -10.83
CA GLU A 163 -8.08 6.73 -11.11
C GLU A 163 -8.91 7.23 -9.94
N GLN A 164 -8.50 6.90 -8.71
CA GLN A 164 -9.21 7.37 -7.54
C GLN A 164 -9.01 8.87 -7.32
N ILE A 165 -7.81 9.37 -7.61
CA ILE A 165 -7.57 10.81 -7.51
C ILE A 165 -8.41 11.56 -8.53
N GLN A 166 -8.47 11.05 -9.76
CA GLN A 166 -9.26 11.72 -10.79
C GLN A 166 -10.74 11.71 -10.46
N ALA A 167 -11.22 10.67 -9.76
CA ALA A 167 -12.61 10.65 -9.35
C ALA A 167 -12.90 11.78 -8.36
N VAL A 168 -11.95 12.06 -7.47
CA VAL A 168 -12.11 13.19 -6.55
C VAL A 168 -12.16 14.50 -7.31
N ILE A 169 -11.33 14.64 -8.35
CA ILE A 169 -11.36 15.84 -9.18
C ILE A 169 -12.67 15.92 -9.95
N ASP A 170 -13.09 14.81 -10.57
CA ASP A 170 -14.32 14.80 -11.35
C ASP A 170 -15.55 15.09 -10.50
N ALA A 171 -15.47 14.89 -9.19
CA ALA A 171 -16.57 15.21 -8.30
C ALA A 171 -16.60 16.68 -7.88
N GLY A 172 -15.72 17.50 -8.43
CA GLY A 172 -15.74 18.94 -8.16
C GLY A 172 -15.22 19.34 -6.79
N ALA A 173 -14.20 18.63 -6.29
CA ALA A 173 -13.64 18.93 -4.98
C ALA A 173 -12.61 20.06 -5.01
N LEU A 174 -11.97 20.31 -6.16
CA LEU A 174 -10.90 21.28 -6.21
C LEU A 174 -11.35 22.70 -5.91
N PRO A 175 -12.44 23.23 -6.48
CA PRO A 175 -12.83 24.61 -6.14
C PRO A 175 -13.11 24.81 -4.65
N ALA A 176 -13.67 23.80 -3.98
CA ALA A 176 -13.90 23.92 -2.55
C ALA A 176 -12.59 23.85 -1.77
N LEU A 177 -11.65 23.03 -2.23
CA LEU A 177 -10.36 22.93 -1.56
C LEU A 177 -9.56 24.22 -1.70
N VAL A 178 -9.59 24.84 -2.89
CA VAL A 178 -8.88 26.09 -3.10
C VAL A 178 -9.47 27.20 -2.24
N GLN A 179 -10.81 27.25 -2.14
N GLN A 179 -10.81 27.25 -2.14
CA GLN A 179 -11.45 28.25 -1.31
CA GLN A 179 -11.44 28.26 -1.30
C GLN A 179 -11.13 28.05 0.17
C GLN A 179 -11.13 28.05 0.17
N LEU A 180 -10.94 26.80 0.60
CA LEU A 180 -10.60 26.52 1.99
C LEU A 180 -9.19 26.96 2.34
N LEU A 181 -8.34 27.24 1.35
CA LEU A 181 -7.04 27.83 1.63
C LEU A 181 -7.14 29.24 2.18
N SER A 182 -8.32 29.86 2.10
CA SER A 182 -8.56 31.18 2.66
C SER A 182 -9.09 31.11 4.09
N SER A 183 -9.14 29.92 4.67
CA SER A 183 -9.75 29.76 5.99
C SER A 183 -8.88 30.38 7.06
N PRO A 184 -9.43 31.19 7.97
CA PRO A 184 -8.66 31.63 9.13
C PRO A 184 -8.40 30.51 10.12
N ASN A 185 -9.26 29.49 10.15
CA ASN A 185 -9.02 28.31 10.96
C ASN A 185 -7.82 27.55 10.40
N GLU A 186 -6.78 27.41 11.22
CA GLU A 186 -5.52 26.85 10.73
C GLU A 186 -5.51 25.34 10.67
N GLN A 187 -6.32 24.65 11.49
CA GLN A 187 -6.37 23.20 11.38
C GLN A 187 -7.20 22.75 10.18
N ILE A 188 -8.20 23.55 9.79
CA ILE A 188 -8.90 23.29 8.54
C ILE A 188 -8.00 23.57 7.35
N LEU A 189 -7.27 24.68 7.41
CA LEU A 189 -6.32 25.03 6.34
C LEU A 189 -5.27 23.94 6.16
N GLN A 190 -4.88 23.28 7.24
CA GLN A 190 -3.88 22.22 7.14
C GLN A 190 -4.46 20.97 6.47
N GLU A 191 -5.71 20.62 6.78
CA GLU A 191 -6.34 19.46 6.15
C GLU A 191 -6.58 19.71 4.67
N ALA A 192 -6.92 20.93 4.28
CA ALA A 192 -7.12 21.23 2.87
C ALA A 192 -5.81 21.11 2.09
N LEU A 193 -4.70 21.56 2.69
CA LEU A 193 -3.40 21.36 2.06
C LEU A 193 -3.05 19.88 1.98
N TRP A 194 -3.47 19.10 2.96
CA TRP A 194 -3.25 17.65 2.93
C TRP A 194 -3.96 17.01 1.75
N ALA A 195 -5.22 17.41 1.50
CA ALA A 195 -5.97 16.86 0.38
C ALA A 195 -5.37 17.31 -0.95
N LEU A 196 -4.99 18.58 -1.05
CA LEU A 196 -4.41 19.07 -2.30
C LEU A 196 -3.07 18.42 -2.59
N SER A 197 -2.28 18.14 -1.54
N SER A 197 -2.28 18.14 -1.54
CA SER A 197 -0.98 17.48 -1.74
CA SER A 197 -0.98 17.48 -1.74
C SER A 197 -1.17 16.06 -2.26
C SER A 197 -1.17 16.05 -2.25
N ASN A 198 -2.17 15.34 -1.75
CA ASN A 198 -2.43 13.98 -2.22
C ASN A 198 -2.93 13.99 -3.66
N ILE A 199 -3.77 14.95 -4.01
CA ILE A 199 -4.25 15.06 -5.39
C ILE A 199 -3.09 15.42 -6.32
N ALA A 200 -2.23 16.35 -5.90
CA ALA A 200 -1.10 16.77 -6.72
C ALA A 200 0.00 15.71 -6.80
N SER A 201 -0.13 14.59 -6.10
CA SER A 201 0.85 13.52 -6.16
C SER A 201 0.60 12.55 -7.31
N GLY A 202 -0.49 12.73 -8.06
CA GLY A 202 -0.82 11.87 -9.17
C GLY A 202 -0.07 12.22 -10.43
N GLY A 203 -0.64 11.83 -11.56
CA GLY A 203 -0.03 12.08 -12.85
C GLY A 203 -0.15 13.53 -13.28
N ASN A 204 0.34 13.79 -14.49
CA ASN A 204 0.33 15.15 -15.02
C ASN A 204 -1.10 15.67 -15.21
N GLU A 205 -2.05 14.79 -15.52
CA GLU A 205 -3.44 15.22 -15.66
C GLU A 205 -3.99 15.72 -14.33
N GLN A 206 -3.72 14.99 -13.24
CA GLN A 206 -4.22 15.41 -11.94
C GLN A 206 -3.49 16.65 -11.44
N ILE A 207 -2.20 16.79 -11.74
CA ILE A 207 -1.47 17.99 -11.36
C ILE A 207 -1.99 19.20 -12.11
N GLN A 208 -2.25 19.05 -13.41
CA GLN A 208 -2.78 20.16 -14.19
C GLN A 208 -4.16 20.58 -13.71
N ALA A 209 -4.96 19.63 -13.22
CA ALA A 209 -6.26 19.97 -12.68
C ALA A 209 -6.14 20.86 -11.44
N VAL A 210 -5.12 20.60 -10.62
CA VAL A 210 -4.86 21.46 -9.46
C VAL A 210 -4.47 22.86 -9.91
N ILE A 211 -3.63 22.95 -10.95
CA ILE A 211 -3.23 24.25 -11.48
C ILE A 211 -4.44 24.96 -12.10
N ASP A 212 -5.29 24.21 -12.80
CA ASP A 212 -6.45 24.81 -13.46
C ASP A 212 -7.46 25.35 -12.44
N ALA A 213 -7.50 24.78 -11.24
CA ALA A 213 -8.41 25.24 -10.21
C ALA A 213 -7.94 26.54 -9.54
N GLY A 214 -6.76 27.03 -9.89
CA GLY A 214 -6.26 28.27 -9.32
C GLY A 214 -5.64 28.15 -7.95
N ALA A 215 -5.03 27.01 -7.64
CA ALA A 215 -4.49 26.78 -6.31
C ALA A 215 -3.12 27.41 -6.10
N LEU A 216 -2.38 27.68 -7.18
CA LEU A 216 -0.99 28.12 -7.08
C LEU A 216 -0.83 29.48 -6.39
N PRO A 217 -1.64 30.51 -6.69
CA PRO A 217 -1.48 31.77 -5.96
C PRO A 217 -1.64 31.64 -4.46
N ALA A 218 -2.56 30.78 -4.01
CA ALA A 218 -2.74 30.59 -2.57
C ALA A 218 -1.60 29.77 -1.98
N LEU A 219 -1.15 28.75 -2.70
CA LEU A 219 -0.03 27.94 -2.21
C LEU A 219 1.24 28.78 -2.06
N VAL A 220 1.49 29.67 -3.01
CA VAL A 220 2.66 30.54 -2.95
C VAL A 220 2.55 31.48 -1.76
N GLN A 221 1.37 32.03 -1.51
CA GLN A 221 1.18 32.92 -0.36
C GLN A 221 1.34 32.17 0.96
N LEU A 222 0.95 30.90 1.01
CA LEU A 222 1.10 30.12 2.23
C LEU A 222 2.56 29.76 2.53
N LEU A 223 3.48 30.02 1.59
CA LEU A 223 4.90 29.84 1.88
C LEU A 223 5.42 30.89 2.85
N SER A 224 4.67 31.96 3.09
CA SER A 224 5.04 32.98 4.07
C SER A 224 4.26 32.85 5.36
N SER A 225 3.66 31.69 5.60
CA SER A 225 2.82 31.53 6.79
C SER A 225 3.69 31.41 8.03
N PRO A 226 3.27 32.01 9.15
CA PRO A 226 4.01 31.83 10.41
C PRO A 226 3.92 30.41 10.94
N ASN A 227 2.81 29.71 10.69
CA ASN A 227 2.66 28.33 11.12
C ASN A 227 3.55 27.44 10.27
N GLU A 228 4.58 26.86 10.89
CA GLU A 228 5.52 26.01 10.15
C GLU A 228 4.87 24.73 9.64
N GLN A 229 3.77 24.29 10.27
CA GLN A 229 3.06 23.13 9.74
C GLN A 229 2.33 23.49 8.45
N ILE A 230 1.68 24.65 8.41
CA ILE A 230 1.03 25.11 7.19
C ILE A 230 2.07 25.42 6.12
N LEU A 231 3.18 26.05 6.51
CA LEU A 231 4.26 26.34 5.57
C LEU A 231 4.76 25.06 4.91
N GLN A 232 4.98 24.01 5.69
CA GLN A 232 5.50 22.76 5.15
C GLN A 232 4.48 22.09 4.24
N GLU A 233 3.21 22.08 4.64
CA GLU A 233 2.18 21.46 3.81
C GLU A 233 2.03 22.16 2.47
N ALA A 234 2.07 23.50 2.47
CA ALA A 234 2.05 24.23 1.21
C ALA A 234 3.31 23.92 0.40
N LEU A 235 4.46 23.81 1.08
CA LEU A 235 5.69 23.45 0.39
C LEU A 235 5.60 22.04 -0.20
N TRP A 236 5.00 21.11 0.53
CA TRP A 236 4.84 19.75 0.01
C TRP A 236 3.88 19.72 -1.17
N ALA A 237 2.81 20.49 -1.11
CA ALA A 237 1.87 20.55 -2.23
C ALA A 237 2.52 21.18 -3.46
N LEU A 238 3.31 22.24 -3.27
CA LEU A 238 3.96 22.89 -4.39
C LEU A 238 5.03 21.99 -5.02
N SER A 239 5.78 21.26 -4.18
CA SER A 239 6.83 20.39 -4.70
C SER A 239 6.23 19.20 -5.46
N ASN A 240 5.04 18.74 -5.05
CA ASN A 240 4.35 17.73 -5.82
C ASN A 240 3.96 18.25 -7.20
N ILE A 241 3.51 19.51 -7.27
CA ILE A 241 3.16 20.10 -8.56
C ILE A 241 4.41 20.29 -9.42
N ALA A 242 5.52 20.68 -8.79
CA ALA A 242 6.77 20.86 -9.53
C ALA A 242 7.30 19.55 -10.10
N SER A 243 6.82 18.41 -9.62
CA SER A 243 7.24 17.12 -10.14
C SER A 243 6.63 16.79 -11.50
N GLY A 244 5.68 17.59 -11.97
CA GLY A 244 5.06 17.37 -13.27
C GLY A 244 5.97 17.76 -14.41
N GLY A 245 5.38 17.81 -15.60
CA GLY A 245 6.11 18.16 -16.80
C GLY A 245 6.48 19.64 -16.82
N ASN A 246 7.14 20.03 -17.92
CA ASN A 246 7.63 21.40 -18.04
C ASN A 246 6.50 22.42 -18.01
N GLU A 247 5.34 22.07 -18.59
CA GLU A 247 4.19 22.97 -18.52
C GLU A 247 3.75 23.16 -17.08
N GLN A 248 3.85 22.11 -16.26
CA GLN A 248 3.48 22.24 -14.86
C GLN A 248 4.50 23.05 -14.09
N LYS A 249 5.79 22.80 -14.32
CA LYS A 249 6.84 23.62 -13.68
C LYS A 249 6.75 25.07 -14.11
N GLN A 250 6.35 25.33 -15.36
N GLN A 250 6.36 25.33 -15.36
CA GLN A 250 6.29 26.71 -15.83
CA GLN A 250 6.28 26.70 -15.85
C GLN A 250 5.20 27.50 -15.11
C GLN A 250 5.20 27.49 -15.12
N ALA A 251 4.07 26.86 -14.80
CA ALA A 251 3.02 27.55 -14.07
C ALA A 251 3.44 27.85 -12.64
N VAL A 252 4.25 26.97 -12.03
CA VAL A 252 4.76 27.24 -10.68
C VAL A 252 5.68 28.45 -10.69
N LYS A 253 6.56 28.54 -11.68
CA LYS A 253 7.44 29.71 -11.78
C LYS A 253 6.65 30.98 -12.07
N GLU A 254 5.66 30.89 -12.97
CA GLU A 254 4.85 32.05 -13.30
C GLU A 254 3.99 32.51 -12.12
N ALA A 255 3.79 31.66 -11.13
CA ALA A 255 3.13 32.07 -9.89
C ALA A 255 4.09 32.72 -8.90
N GLY A 256 5.37 32.82 -9.24
CA GLY A 256 6.33 33.50 -8.38
C GLY A 256 6.89 32.65 -7.26
N ALA A 257 6.94 31.33 -7.44
CA ALA A 257 7.39 30.46 -6.35
C ALA A 257 8.91 30.47 -6.19
N LEU A 258 9.66 30.77 -7.26
CA LEU A 258 11.12 30.72 -7.18
C LEU A 258 11.67 31.69 -6.13
N GLU A 259 11.08 32.89 -6.06
CA GLU A 259 11.57 33.89 -5.12
C GLU A 259 11.40 33.43 -3.69
N LYS A 260 10.22 32.89 -3.36
CA LYS A 260 9.98 32.40 -2.01
C LYS A 260 10.78 31.13 -1.73
N LEU A 261 10.89 30.25 -2.73
CA LEU A 261 11.64 29.01 -2.54
C LEU A 261 13.12 29.29 -2.27
N GLU A 262 13.72 30.21 -3.02
CA GLU A 262 15.12 30.55 -2.78
C GLU A 262 15.30 31.26 -1.44
N GLN A 263 14.27 31.96 -0.97
CA GLN A 263 14.32 32.53 0.37
C GLN A 263 14.23 31.43 1.43
N LEU A 264 13.34 30.46 1.23
CA LEU A 264 13.17 29.37 2.19
C LEU A 264 14.41 28.51 2.33
N GLN A 265 15.40 28.66 1.46
CA GLN A 265 16.68 27.98 1.64
C GLN A 265 17.44 28.55 2.84
N SER A 266 17.09 29.75 3.30
CA SER A 266 17.68 30.35 4.48
C SER A 266 16.73 30.33 5.67
N HIS A 267 15.74 29.45 5.65
CA HIS A 267 14.78 29.35 6.75
C HIS A 267 15.45 28.78 7.99
N GLU A 268 14.91 29.14 9.16
CA GLU A 268 15.48 28.67 10.41
C GLU A 268 15.26 27.19 10.65
N ASN A 269 14.38 26.54 9.89
CA ASN A 269 14.13 25.12 10.01
C ASN A 269 14.94 24.38 8.95
N GLU A 270 15.85 23.51 9.39
CA GLU A 270 16.66 22.73 8.46
C GLU A 270 15.78 21.88 7.55
N LYS A 271 14.69 21.32 8.08
CA LYS A 271 13.81 20.50 7.28
C LYS A 271 13.20 21.30 6.13
N ILE A 272 12.73 22.51 6.42
CA ILE A 272 12.14 23.36 5.38
C ILE A 272 13.20 23.76 4.35
N GLN A 273 14.43 24.00 4.80
CA GLN A 273 15.51 24.32 3.87
C GLN A 273 15.71 23.22 2.84
N LYS A 274 15.67 21.96 3.29
CA LYS A 274 15.90 20.85 2.37
C LYS A 274 14.73 20.65 1.42
N GLU A 275 13.50 20.90 1.88
CA GLU A 275 12.34 20.77 1.00
C GLU A 275 12.31 21.88 -0.04
N ALA A 276 12.67 23.11 0.36
CA ALA A 276 12.77 24.19 -0.60
C ALA A 276 13.88 23.93 -1.60
N GLN A 277 14.97 23.32 -1.15
CA GLN A 277 16.05 22.97 -2.07
C GLN A 277 15.61 21.90 -3.06
N GLU A 278 14.87 20.89 -2.59
CA GLU A 278 14.42 19.83 -3.48
C GLU A 278 13.33 20.32 -4.43
N ALA A 279 12.50 21.28 -3.99
CA ALA A 279 11.49 21.84 -4.88
C ALA A 279 12.15 22.63 -6.00
N LEU A 280 13.22 23.36 -5.70
CA LEU A 280 13.95 24.08 -6.74
C LEU A 280 14.62 23.12 -7.71
N GLU A 281 15.04 21.94 -7.23
CA GLU A 281 15.62 20.94 -8.11
C GLU A 281 14.58 20.44 -9.10
N LYS A 282 13.37 20.13 -8.61
CA LYS A 282 12.31 19.65 -9.50
C LYS A 282 11.92 20.70 -10.53
N LEU A 283 12.10 21.98 -10.20
CA LEU A 283 11.70 23.05 -11.10
C LEU A 283 12.65 23.23 -12.28
N GLN A 284 13.80 22.58 -12.28
CA GLN A 284 14.65 22.55 -13.46
C GLN A 284 13.93 21.79 -14.58
N SER A 285 13.83 22.41 -15.75
CA SER A 285 12.96 21.90 -16.79
C SER A 285 13.51 20.61 -17.40
N HIS A 286 12.67 19.99 -18.24
CA HIS A 286 12.87 18.63 -18.77
C HIS A 286 12.89 17.62 -17.61
N GLY B 3 -6.57 -31.81 -28.74
CA GLY B 3 -7.69 -31.18 -28.08
C GLY B 3 -8.15 -31.89 -26.82
N SER B 4 -8.77 -33.06 -27.01
CA SER B 4 -9.43 -33.84 -25.97
C SER B 4 -8.77 -33.82 -24.59
N GLU B 5 -7.45 -33.64 -24.55
CA GLU B 5 -6.73 -33.69 -23.29
C GLU B 5 -7.18 -32.59 -22.33
N LEU B 6 -7.08 -31.33 -22.76
CA LEU B 6 -7.28 -30.23 -21.83
C LEU B 6 -8.72 -30.11 -21.34
N PRO B 7 -9.76 -30.13 -22.20
CA PRO B 7 -11.12 -29.94 -21.67
C PRO B 7 -11.54 -31.01 -20.67
N GLN B 8 -11.23 -32.28 -20.93
CA GLN B 8 -11.56 -33.32 -19.97
C GLN B 8 -10.78 -33.14 -18.67
N MET B 9 -9.54 -32.65 -18.77
CA MET B 9 -8.76 -32.37 -17.57
C MET B 9 -9.40 -31.29 -16.71
N VAL B 10 -10.09 -30.33 -17.34
CA VAL B 10 -10.68 -29.23 -16.59
C VAL B 10 -11.90 -29.70 -15.82
N GLN B 11 -12.78 -30.49 -16.47
CA GLN B 11 -13.90 -31.07 -15.75
C GLN B 11 -13.43 -32.07 -14.71
N GLN B 12 -12.27 -32.70 -14.94
CA GLN B 12 -11.70 -33.57 -13.94
C GLN B 12 -11.27 -32.79 -12.70
N LEU B 13 -10.97 -31.49 -12.86
CA LEU B 13 -10.71 -30.63 -11.72
C LEU B 13 -11.97 -30.33 -10.93
N ASN B 14 -13.14 -30.54 -11.52
CA ASN B 14 -14.42 -30.39 -10.84
C ASN B 14 -14.91 -31.70 -10.23
N SER B 15 -14.08 -32.73 -10.21
CA SER B 15 -14.54 -34.04 -9.76
C SER B 15 -14.65 -34.07 -8.24
N PRO B 16 -15.65 -34.77 -7.70
CA PRO B 16 -15.74 -34.90 -6.23
C PRO B 16 -14.75 -35.89 -5.65
N ASP B 17 -14.22 -36.82 -6.45
CA ASP B 17 -13.28 -37.82 -5.94
C ASP B 17 -11.90 -37.21 -5.75
N GLN B 18 -11.29 -37.50 -4.60
CA GLN B 18 -10.03 -36.86 -4.25
C GLN B 18 -8.83 -37.44 -5.00
N GLN B 19 -8.89 -38.73 -5.36
CA GLN B 19 -7.83 -39.29 -6.19
C GLN B 19 -7.95 -38.84 -7.63
N GLU B 20 -9.18 -38.64 -8.10
CA GLU B 20 -9.39 -38.06 -9.43
C GLU B 20 -8.86 -36.63 -9.50
N LEU B 21 -8.89 -35.90 -8.38
CA LEU B 21 -8.36 -34.54 -8.38
C LEU B 21 -6.84 -34.54 -8.39
N GLN B 22 -6.22 -35.52 -7.72
CA GLN B 22 -4.77 -35.63 -7.74
C GLN B 22 -4.24 -35.87 -9.14
N SER B 23 -4.90 -36.76 -9.90
N SER B 23 -4.89 -36.76 -9.89
CA SER B 23 -4.43 -37.06 -11.25
CA SER B 23 -4.45 -37.06 -11.25
C SER B 23 -4.65 -35.87 -12.19
C SER B 23 -4.64 -35.86 -12.17
N ALA B 24 -5.75 -35.14 -12.01
CA ALA B 24 -6.01 -33.97 -12.86
C ALA B 24 -5.02 -32.85 -12.55
N LEU B 25 -4.76 -32.60 -11.25
CA LEU B 25 -3.85 -31.53 -10.86
C LEU B 25 -2.42 -31.84 -11.30
N TRP B 26 -2.02 -33.11 -11.25
CA TRP B 26 -0.68 -33.48 -11.69
C TRP B 26 -0.50 -33.24 -13.19
N LYS B 27 -1.50 -33.61 -14.00
CA LYS B 27 -1.43 -33.32 -15.43
C LYS B 27 -1.37 -31.82 -15.67
N LEU B 28 -2.09 -31.04 -14.88
CA LEU B 28 -2.10 -29.59 -15.07
C LEU B 28 -0.77 -28.97 -14.65
N ARG B 29 -0.17 -29.48 -13.57
CA ARG B 29 1.13 -28.97 -13.14
C ARG B 29 2.19 -29.19 -14.19
N ASN B 30 2.18 -30.36 -14.85
CA ASN B 30 3.18 -30.64 -15.87
C ASN B 30 2.96 -29.79 -17.12
N ILE B 31 1.72 -29.41 -17.40
CA ILE B 31 1.44 -28.54 -18.55
C ILE B 31 1.90 -27.12 -18.25
N ALA B 32 1.54 -26.61 -17.08
CA ALA B 32 1.84 -25.22 -16.72
C ALA B 32 3.32 -24.97 -16.51
N SER B 33 4.15 -26.01 -16.46
CA SER B 33 5.58 -25.84 -16.29
C SER B 33 6.33 -25.80 -17.62
N GLY B 34 5.62 -25.83 -18.74
CA GLY B 34 6.27 -25.95 -20.04
C GLY B 34 6.19 -24.73 -20.92
N GLY B 35 6.11 -23.55 -20.34
CA GLY B 35 6.15 -22.31 -21.10
C GLY B 35 4.81 -21.58 -21.10
N ASN B 36 4.86 -20.33 -21.55
CA ASN B 36 3.71 -19.44 -21.44
C ASN B 36 2.59 -19.77 -22.43
N GLU B 37 2.89 -20.44 -23.53
CA GLU B 37 1.80 -20.81 -24.45
C GLU B 37 1.02 -22.00 -23.94
N GLN B 38 1.71 -22.94 -23.26
CA GLN B 38 0.99 -24.00 -22.57
C GLN B 38 0.21 -23.47 -21.38
N ILE B 39 0.70 -22.41 -20.74
CA ILE B 39 -0.06 -21.77 -19.67
C ILE B 39 -1.34 -21.16 -20.21
N GLN B 40 -1.23 -20.48 -21.36
CA GLN B 40 -2.40 -19.85 -21.95
C GLN B 40 -3.44 -20.88 -22.38
N ALA B 41 -2.98 -22.04 -22.89
CA ALA B 41 -3.92 -23.09 -23.26
C ALA B 41 -4.68 -23.60 -22.04
N VAL B 42 -4.00 -23.64 -20.89
CA VAL B 42 -4.66 -24.01 -19.64
C VAL B 42 -5.69 -22.97 -19.25
N ILE B 43 -5.34 -21.69 -19.36
CA ILE B 43 -6.27 -20.62 -19.01
C ILE B 43 -7.44 -20.59 -19.99
N ASP B 44 -7.15 -20.72 -21.28
CA ASP B 44 -8.21 -20.69 -22.29
C ASP B 44 -9.16 -21.86 -22.13
N ALA B 45 -8.68 -22.99 -21.61
CA ALA B 45 -9.54 -24.15 -21.37
C ALA B 45 -10.45 -23.97 -20.16
N GLY B 46 -10.25 -22.92 -19.37
CA GLY B 46 -11.12 -22.64 -18.24
C GLY B 46 -10.77 -23.39 -16.97
N ALA B 47 -9.47 -23.56 -16.70
CA ALA B 47 -9.03 -24.30 -15.52
C ALA B 47 -8.94 -23.43 -14.27
N LEU B 48 -8.86 -22.11 -14.42
CA LEU B 48 -8.64 -21.24 -13.27
C LEU B 48 -9.77 -21.24 -12.26
N PRO B 49 -11.06 -21.17 -12.63
CA PRO B 49 -12.09 -21.18 -11.60
C PRO B 49 -12.07 -22.42 -10.71
N ALA B 50 -11.87 -23.61 -11.30
CA ALA B 50 -11.81 -24.82 -10.50
C ALA B 50 -10.55 -24.86 -9.64
N LEU B 51 -9.44 -24.35 -10.17
CA LEU B 51 -8.19 -24.34 -9.42
C LEU B 51 -8.26 -23.43 -8.20
N VAL B 52 -8.89 -22.27 -8.35
CA VAL B 52 -9.05 -21.36 -7.22
C VAL B 52 -9.95 -21.98 -6.16
N GLN B 53 -11.00 -22.69 -6.59
CA GLN B 53 -11.88 -23.33 -5.64
C GLN B 53 -11.18 -24.44 -4.88
N LEU B 54 -10.21 -25.10 -5.50
CA LEU B 54 -9.44 -26.14 -4.82
C LEU B 54 -8.46 -25.56 -3.80
N LEU B 55 -8.23 -24.25 -3.81
CA LEU B 55 -7.42 -23.62 -2.77
C LEU B 55 -8.14 -23.62 -1.42
N SER B 56 -9.43 -23.93 -1.39
CA SER B 56 -10.18 -24.07 -0.14
C SER B 56 -10.23 -25.50 0.36
N SER B 57 -9.55 -26.44 -0.32
CA SER B 57 -9.69 -27.84 0.03
C SER B 57 -8.98 -28.12 1.36
N PRO B 58 -9.61 -28.91 2.24
CA PRO B 58 -8.98 -29.23 3.53
C PRO B 58 -7.96 -30.35 3.45
N ASN B 59 -7.71 -30.93 2.28
CA ASN B 59 -6.75 -32.01 2.13
C ASN B 59 -5.40 -31.44 1.72
N GLU B 60 -4.34 -31.87 2.39
CA GLU B 60 -3.02 -31.29 2.18
C GLU B 60 -2.50 -31.56 0.78
N GLN B 61 -2.69 -32.79 0.28
CA GLN B 61 -2.12 -33.17 -1.01
C GLN B 61 -2.82 -32.48 -2.17
N ILE B 62 -4.14 -32.29 -2.07
CA ILE B 62 -4.86 -31.53 -3.10
C ILE B 62 -4.48 -30.05 -3.03
N LEU B 63 -4.38 -29.51 -1.81
CA LEU B 63 -4.01 -28.12 -1.65
C LEU B 63 -2.58 -27.88 -2.11
N SER B 64 -1.66 -28.78 -1.75
CA SER B 64 -0.29 -28.67 -2.23
C SER B 64 -0.24 -28.75 -3.75
N SER B 65 -0.99 -29.67 -4.35
CA SER B 65 -0.96 -29.83 -5.79
C SER B 65 -1.60 -28.64 -6.49
N ALA B 66 -2.67 -28.08 -5.91
CA ALA B 66 -3.28 -26.90 -6.50
C ALA B 66 -2.38 -25.68 -6.39
N LEU B 67 -1.68 -25.53 -5.25
CA LEU B 67 -0.77 -24.41 -5.09
C LEU B 67 0.40 -24.49 -6.07
N GLY B 68 0.93 -25.70 -6.28
CA GLY B 68 2.01 -25.87 -7.23
C GLY B 68 1.60 -25.54 -8.66
N ALA B 69 0.41 -25.97 -9.06
CA ALA B 69 -0.10 -25.62 -10.38
C ALA B 69 -0.35 -24.11 -10.48
N LEU B 70 -0.97 -23.54 -9.45
CA LEU B 70 -1.22 -22.10 -9.43
C LEU B 70 0.06 -21.30 -9.57
N SER B 71 1.12 -21.74 -8.89
CA SER B 71 2.35 -20.96 -8.86
C SER B 71 3.09 -21.00 -10.19
N ASN B 72 3.05 -22.16 -10.87
CA ASN B 72 3.67 -22.25 -12.19
C ASN B 72 2.92 -21.43 -13.23
N ILE B 73 1.59 -21.36 -13.12
CA ILE B 73 0.81 -20.49 -13.99
C ILE B 73 1.19 -19.04 -13.76
N ALA B 74 1.39 -18.65 -12.50
CA ALA B 74 1.77 -17.29 -12.16
C ALA B 74 3.19 -16.94 -12.57
N SER B 75 3.95 -17.88 -13.14
CA SER B 75 5.25 -17.57 -13.71
C SER B 75 5.15 -17.08 -15.14
N GLY B 76 3.94 -16.98 -15.70
CA GLY B 76 3.75 -16.54 -17.06
C GLY B 76 3.72 -15.02 -17.16
N GLY B 77 3.14 -14.56 -18.27
CA GLY B 77 3.08 -13.13 -18.54
C GLY B 77 2.21 -12.39 -17.54
N ASN B 78 2.24 -11.05 -17.67
CA ASN B 78 1.49 -10.21 -16.74
C ASN B 78 -0.01 -10.44 -16.85
N GLU B 79 -0.52 -10.62 -18.08
CA GLU B 79 -1.94 -10.84 -18.26
C GLU B 79 -2.37 -12.24 -17.85
N GLN B 80 -1.44 -13.21 -17.85
CA GLN B 80 -1.77 -14.53 -17.32
C GLN B 80 -1.84 -14.50 -15.81
N ILE B 81 -0.95 -13.73 -15.17
CA ILE B 81 -1.06 -13.50 -13.73
C ILE B 81 -2.38 -12.79 -13.41
N GLN B 82 -2.76 -11.82 -14.25
CA GLN B 82 -4.00 -11.09 -14.02
C GLN B 82 -5.22 -12.00 -14.14
N ALA B 83 -5.17 -13.00 -15.02
CA ALA B 83 -6.27 -13.96 -15.09
C ALA B 83 -6.35 -14.80 -13.83
N VAL B 84 -5.21 -15.09 -13.21
CA VAL B 84 -5.22 -15.77 -11.91
C VAL B 84 -5.86 -14.88 -10.84
N ILE B 85 -5.57 -13.58 -10.90
CA ILE B 85 -6.13 -12.65 -9.91
C ILE B 85 -7.63 -12.50 -10.12
N ASP B 86 -8.06 -12.37 -11.38
CA ASP B 86 -9.49 -12.22 -11.67
C ASP B 86 -10.29 -13.45 -11.26
N ALA B 87 -9.66 -14.62 -11.21
CA ALA B 87 -10.35 -15.83 -10.79
C ALA B 87 -10.55 -15.92 -9.28
N GLY B 88 -9.97 -15.00 -8.51
CA GLY B 88 -10.18 -14.98 -7.08
C GLY B 88 -9.15 -15.72 -6.26
N ALA B 89 -7.91 -15.85 -6.76
CA ALA B 89 -6.90 -16.63 -6.05
C ALA B 89 -6.33 -15.88 -4.85
N LEU B 90 -6.35 -14.55 -4.86
CA LEU B 90 -5.66 -13.79 -3.82
C LEU B 90 -6.30 -13.94 -2.45
N PRO B 91 -7.63 -13.81 -2.27
CA PRO B 91 -8.18 -13.94 -0.92
C PRO B 91 -7.88 -15.28 -0.25
N ALA B 92 -7.86 -16.37 -1.03
CA ALA B 92 -7.51 -17.66 -0.45
C ALA B 92 -6.02 -17.73 -0.10
N LEU B 93 -5.16 -17.12 -0.92
CA LEU B 93 -3.73 -17.14 -0.64
C LEU B 93 -3.40 -16.35 0.61
N VAL B 94 -4.06 -15.20 0.81
CA VAL B 94 -3.80 -14.40 2.01
C VAL B 94 -4.23 -15.16 3.26
N GLN B 95 -5.35 -15.88 3.18
CA GLN B 95 -5.80 -16.67 4.33
C GLN B 95 -4.81 -17.79 4.64
N LEU B 96 -4.19 -18.36 3.61
CA LEU B 96 -3.21 -19.43 3.82
C LEU B 96 -1.90 -18.92 4.42
N LEU B 97 -1.72 -17.60 4.52
CA LEU B 97 -0.52 -17.07 5.16
C LEU B 97 -0.52 -17.27 6.67
N SER B 98 -1.67 -17.59 7.25
CA SER B 98 -1.77 -17.93 8.67
C SER B 98 -1.93 -19.43 8.89
N SER B 99 -1.59 -20.24 7.89
CA SER B 99 -1.66 -21.67 8.04
C SER B 99 -0.56 -22.17 8.97
N PRO B 100 -0.86 -23.02 9.95
CA PRO B 100 0.21 -23.61 10.76
C PRO B 100 1.01 -24.66 10.00
N ASN B 101 0.46 -25.20 8.91
CA ASN B 101 1.18 -26.15 8.05
C ASN B 101 2.19 -25.36 7.23
N GLU B 102 3.47 -25.49 7.59
CA GLU B 102 4.52 -24.66 7.05
C GLU B 102 4.94 -25.06 5.64
N GLN B 103 4.56 -26.25 5.17
CA GLN B 103 4.78 -26.58 3.78
C GLN B 103 3.69 -25.99 2.90
N ILE B 104 2.45 -25.95 3.40
CA ILE B 104 1.39 -25.21 2.72
C ILE B 104 1.71 -23.71 2.72
N LEU B 105 2.21 -23.21 3.85
CA LEU B 105 2.62 -21.81 3.92
C LEU B 105 3.70 -21.50 2.91
N GLN B 106 4.66 -22.42 2.73
CA GLN B 106 5.73 -22.19 1.76
C GLN B 106 5.19 -22.13 0.34
N LEU B 107 4.25 -23.03 0.00
CA LEU B 107 3.69 -23.03 -1.34
C LEU B 107 2.78 -21.82 -1.58
N ALA B 108 2.06 -21.37 -0.56
CA ALA B 108 1.27 -20.15 -0.70
C ALA B 108 2.17 -18.93 -0.92
N LEU B 109 3.33 -18.91 -0.27
CA LEU B 109 4.27 -17.82 -0.50
C LEU B 109 4.89 -17.90 -1.88
N TRP B 110 5.08 -19.11 -2.41
N TRP B 110 5.07 -19.11 -2.41
CA TRP B 110 5.60 -19.26 -3.77
CA TRP B 110 5.59 -19.28 -3.76
C TRP B 110 4.63 -18.66 -4.78
C TRP B 110 4.63 -18.69 -4.79
N ALA B 111 3.35 -18.97 -4.65
CA ALA B 111 2.35 -18.46 -5.59
C ALA B 111 2.19 -16.95 -5.45
N LEU B 112 2.23 -16.43 -4.22
CA LEU B 112 2.11 -14.99 -4.02
C LEU B 112 3.33 -14.26 -4.58
N SER B 113 4.52 -14.87 -4.46
CA SER B 113 5.72 -14.25 -4.99
C SER B 113 5.65 -14.14 -6.51
N ASN B 114 5.17 -15.19 -7.19
CA ASN B 114 5.09 -15.16 -8.64
C ASN B 114 4.03 -14.17 -9.12
N ILE B 115 2.90 -14.09 -8.40
CA ILE B 115 1.88 -13.10 -8.75
C ILE B 115 2.42 -11.69 -8.57
N ALA B 116 3.21 -11.47 -7.52
CA ALA B 116 3.83 -10.18 -7.28
C ALA B 116 4.98 -9.89 -8.23
N SER B 117 5.37 -10.85 -9.07
CA SER B 117 6.39 -10.62 -10.09
C SER B 117 5.82 -10.00 -11.36
N GLY B 118 4.52 -9.72 -11.40
CA GLY B 118 3.91 -9.09 -12.55
C GLY B 118 4.05 -7.58 -12.53
N GLY B 119 3.14 -6.92 -13.23
CA GLY B 119 3.13 -5.48 -13.33
C GLY B 119 2.50 -4.82 -12.11
N ASN B 120 2.34 -3.50 -12.21
CA ASN B 120 1.86 -2.72 -11.08
C ASN B 120 0.42 -3.05 -10.73
N GLU B 121 -0.41 -3.34 -11.74
CA GLU B 121 -1.79 -3.72 -11.46
C GLU B 121 -1.85 -5.04 -10.72
N GLN B 122 -0.98 -5.98 -11.08
CA GLN B 122 -0.94 -7.26 -10.37
C GLN B 122 -0.41 -7.09 -8.95
N ILE B 123 0.60 -6.24 -8.77
CA ILE B 123 1.15 -6.01 -7.43
C ILE B 123 0.14 -5.29 -6.55
N GLN B 124 -0.54 -4.28 -7.10
CA GLN B 124 -1.54 -3.56 -6.33
C GLN B 124 -2.69 -4.48 -5.90
N ALA B 125 -3.01 -5.48 -6.71
CA ALA B 125 -4.02 -6.46 -6.32
C ALA B 125 -3.56 -7.26 -5.12
N VAL B 126 -2.27 -7.64 -5.09
CA VAL B 126 -1.72 -8.32 -3.92
C VAL B 126 -1.80 -7.43 -2.69
N ILE B 127 -1.52 -6.14 -2.88
CA ILE B 127 -1.61 -5.19 -1.76
C ILE B 127 -3.05 -5.04 -1.31
N ASP B 128 -3.98 -4.90 -2.25
CA ASP B 128 -5.38 -4.69 -1.90
C ASP B 128 -6.01 -5.92 -1.26
N ALA B 129 -5.45 -7.11 -1.50
CA ALA B 129 -5.94 -8.32 -0.86
C ALA B 129 -5.47 -8.45 0.58
N GLY B 130 -4.60 -7.55 1.05
CA GLY B 130 -4.17 -7.57 2.43
C GLY B 130 -2.99 -8.46 2.73
N ALA B 131 -2.08 -8.66 1.79
CA ALA B 131 -0.98 -9.60 1.98
C ALA B 131 0.18 -9.00 2.76
N LEU B 132 0.32 -7.67 2.78
CA LEU B 132 1.53 -7.08 3.32
C LEU B 132 1.70 -7.27 4.83
N PRO B 133 0.69 -7.00 5.67
CA PRO B 133 0.91 -7.19 7.12
C PRO B 133 1.30 -8.61 7.50
N ALA B 134 0.74 -9.61 6.81
CA ALA B 134 1.10 -10.99 7.10
C ALA B 134 2.53 -11.29 6.64
N LEU B 135 2.94 -10.70 5.52
CA LEU B 135 4.31 -10.91 5.04
C LEU B 135 5.33 -10.25 5.95
N VAL B 136 5.05 -9.03 6.40
CA VAL B 136 5.97 -8.34 7.31
C VAL B 136 6.10 -9.12 8.62
N GLN B 137 4.99 -9.69 9.10
CA GLN B 137 5.05 -10.48 10.32
C GLN B 137 5.88 -11.74 10.15
N LEU B 138 5.85 -12.33 8.95
CA LEU B 138 6.64 -13.54 8.69
C LEU B 138 8.14 -13.28 8.67
N LEU B 139 8.56 -12.01 8.63
CA LEU B 139 9.98 -11.71 8.75
C LEU B 139 10.52 -12.06 10.13
N SER B 140 9.65 -12.14 11.14
CA SER B 140 10.03 -12.56 12.47
C SER B 140 9.88 -14.07 12.67
N SER B 141 9.78 -14.82 11.58
CA SER B 141 9.61 -16.26 11.69
C SER B 141 10.87 -16.91 12.24
N PRO B 142 10.75 -17.90 13.12
CA PRO B 142 11.92 -18.71 13.50
C PRO B 142 12.32 -19.71 12.44
N ASN B 143 11.41 -20.06 11.52
CA ASN B 143 11.79 -20.91 10.37
C ASN B 143 12.53 -20.05 9.36
N GLU B 144 13.79 -20.42 9.09
CA GLU B 144 14.59 -19.68 8.13
C GLU B 144 14.08 -19.85 6.70
N GLN B 145 13.56 -21.03 6.36
CA GLN B 145 13.01 -21.22 5.01
C GLN B 145 11.79 -20.34 4.80
N ILE B 146 10.89 -20.29 5.78
CA ILE B 146 9.72 -19.41 5.69
C ILE B 146 10.15 -17.95 5.60
N LEU B 147 11.18 -17.57 6.35
CA LEU B 147 11.70 -16.22 6.29
C LEU B 147 12.21 -15.88 4.89
N GLN B 148 12.86 -16.86 4.25
CA GLN B 148 13.33 -16.65 2.88
C GLN B 148 12.16 -16.51 1.91
N GLU B 149 11.09 -17.27 2.13
CA GLU B 149 9.93 -17.16 1.24
C GLU B 149 9.24 -15.81 1.40
N ALA B 150 9.14 -15.32 2.63
CA ALA B 150 8.51 -14.02 2.85
C ALA B 150 9.35 -12.89 2.25
N LEU B 151 10.68 -12.97 2.39
CA LEU B 151 11.55 -11.97 1.79
C LEU B 151 11.42 -11.96 0.27
N TRP B 152 11.23 -13.14 -0.32
CA TRP B 152 11.08 -13.23 -1.77
C TRP B 152 9.82 -12.53 -2.24
N ALA B 153 8.70 -12.73 -1.54
CA ALA B 153 7.46 -12.07 -1.92
C ALA B 153 7.53 -10.57 -1.68
N LEU B 154 8.09 -10.16 -0.54
CA LEU B 154 8.20 -8.73 -0.24
C LEU B 154 9.09 -8.02 -1.24
N SER B 155 10.16 -8.68 -1.68
CA SER B 155 11.04 -8.07 -2.68
C SER B 155 10.31 -7.84 -4.01
N ASN B 156 9.46 -8.79 -4.40
CA ASN B 156 8.73 -8.65 -5.66
C ASN B 156 7.67 -7.56 -5.57
N ILE B 157 7.03 -7.43 -4.41
CA ILE B 157 6.05 -6.35 -4.22
C ILE B 157 6.73 -5.00 -4.33
N ALA B 158 7.94 -4.87 -3.77
CA ALA B 158 8.71 -3.65 -3.84
C ALA B 158 9.29 -3.39 -5.23
N SER B 159 9.08 -4.29 -6.19
CA SER B 159 9.53 -4.07 -7.56
C SER B 159 8.55 -3.24 -8.37
N GLY B 160 7.45 -2.79 -7.78
CA GLY B 160 6.46 -2.01 -8.48
C GLY B 160 6.79 -0.53 -8.49
N GLY B 161 5.76 0.28 -8.69
CA GLY B 161 5.91 1.72 -8.70
C GLY B 161 6.10 2.29 -7.31
N ASN B 162 6.20 3.62 -7.26
CA ASN B 162 6.43 4.30 -5.99
C ASN B 162 5.28 4.05 -5.02
N GLU B 163 4.05 4.03 -5.53
N GLU B 163 4.04 4.02 -5.52
CA GLU B 163 2.89 3.79 -4.66
CA GLU B 163 2.90 3.80 -4.63
C GLU B 163 2.90 2.38 -4.09
C GLU B 163 2.87 2.37 -4.10
N GLN B 164 3.38 1.41 -4.86
CA GLN B 164 3.46 0.04 -4.36
C GLN B 164 4.60 -0.10 -3.35
N ILE B 165 5.72 0.59 -3.59
CA ILE B 165 6.84 0.55 -2.66
C ILE B 165 6.45 1.20 -1.33
N GLN B 166 5.70 2.30 -1.38
CA GLN B 166 5.30 2.97 -0.16
C GLN B 166 4.40 2.10 0.71
N ALA B 167 3.64 1.19 0.08
CA ALA B 167 2.81 0.28 0.86
C ALA B 167 3.67 -0.69 1.66
N VAL B 168 4.80 -1.13 1.08
CA VAL B 168 5.73 -1.96 1.83
C VAL B 168 6.34 -1.18 2.98
N ILE B 169 6.65 0.10 2.75
CA ILE B 169 7.20 0.94 3.80
C ILE B 169 6.17 1.17 4.90
N ASP B 170 4.94 1.52 4.50
CA ASP B 170 3.89 1.80 5.48
C ASP B 170 3.54 0.56 6.29
N ALA B 171 3.76 -0.63 5.74
CA ALA B 171 3.52 -1.86 6.48
C ALA B 171 4.56 -2.11 7.56
N GLY B 172 5.61 -1.31 7.63
CA GLY B 172 6.62 -1.47 8.66
C GLY B 172 7.66 -2.52 8.36
N ALA B 173 8.03 -2.70 7.10
CA ALA B 173 8.99 -3.74 6.73
C ALA B 173 10.44 -3.29 6.89
N LEU B 174 10.70 -1.98 6.88
CA LEU B 174 12.08 -1.49 6.86
C LEU B 174 12.88 -1.87 8.10
N PRO B 175 12.36 -1.70 9.33
CA PRO B 175 13.17 -2.11 10.49
C PRO B 175 13.61 -3.56 10.45
N ALA B 176 12.71 -4.47 10.09
CA ALA B 176 13.08 -5.88 10.01
C ALA B 176 14.12 -6.12 8.91
N LEU B 177 13.98 -5.41 7.78
CA LEU B 177 14.94 -5.55 6.70
C LEU B 177 16.33 -5.07 7.11
N VAL B 178 16.40 -3.95 7.83
CA VAL B 178 17.68 -3.41 8.25
C VAL B 178 18.36 -4.35 9.25
N GLN B 179 17.56 -4.95 10.15
N GLN B 179 17.57 -4.97 10.13
CA GLN B 179 18.13 -5.92 11.09
CA GLN B 179 18.13 -5.90 11.10
C GLN B 179 18.75 -7.10 10.37
C GLN B 179 18.72 -7.12 10.39
N LEU B 180 18.07 -7.59 9.32
CA LEU B 180 18.56 -8.76 8.60
C LEU B 180 19.86 -8.50 7.87
N LEU B 181 20.29 -7.25 7.73
CA LEU B 181 21.59 -6.97 7.12
C LEU B 181 22.74 -7.48 7.98
N SER B 182 22.50 -7.78 9.26
CA SER B 182 23.50 -8.35 10.14
C SER B 182 23.42 -9.87 10.21
N SER B 183 22.57 -10.49 9.40
CA SER B 183 22.38 -11.93 9.49
C SER B 183 23.62 -12.67 9.00
N PRO B 184 24.02 -13.75 9.69
CA PRO B 184 25.09 -14.60 9.16
C PRO B 184 24.61 -15.58 8.10
N ASN B 185 23.30 -15.75 7.94
CA ASN B 185 22.75 -16.55 6.85
C ASN B 185 22.90 -15.75 5.56
N GLU B 186 23.84 -16.16 4.72
CA GLU B 186 24.13 -15.41 3.49
C GLU B 186 22.92 -15.41 2.56
N GLN B 187 22.15 -16.49 2.58
CA GLN B 187 20.98 -16.54 1.71
C GLN B 187 19.91 -15.53 2.15
N ILE B 188 19.66 -15.44 3.46
CA ILE B 188 18.73 -14.46 3.99
C ILE B 188 19.27 -13.04 3.77
N LEU B 189 20.58 -12.86 3.97
CA LEU B 189 21.19 -11.55 3.78
C LEU B 189 21.04 -11.08 2.34
N GLN B 190 21.19 -11.99 1.37
CA GLN B 190 21.06 -11.63 -0.04
C GLN B 190 19.65 -11.15 -0.35
N GLU B 191 18.64 -11.83 0.19
CA GLU B 191 17.25 -11.46 -0.10
C GLU B 191 16.84 -10.18 0.61
N ALA B 192 17.40 -9.94 1.80
CA ALA B 192 17.18 -8.64 2.45
C ALA B 192 17.78 -7.51 1.62
N LEU B 193 18.92 -7.77 0.97
CA LEU B 193 19.49 -6.77 0.07
C LEU B 193 18.64 -6.61 -1.19
N TRP B 194 18.01 -7.68 -1.65
CA TRP B 194 17.09 -7.57 -2.79
C TRP B 194 15.93 -6.64 -2.47
N ALA B 195 15.27 -6.87 -1.32
CA ALA B 195 14.10 -6.09 -0.96
C ALA B 195 14.47 -4.63 -0.72
N LEU B 196 15.60 -4.37 -0.07
CA LEU B 196 16.04 -3.00 0.15
C LEU B 196 16.41 -2.31 -1.15
N SER B 197 16.97 -3.06 -2.10
CA SER B 197 17.31 -2.49 -3.41
C SER B 197 16.08 -2.06 -4.17
N ASN B 198 15.04 -2.92 -4.18
CA ASN B 198 13.82 -2.57 -4.89
C ASN B 198 13.10 -1.40 -4.25
N ILE B 199 13.12 -1.33 -2.91
CA ILE B 199 12.55 -0.17 -2.23
C ILE B 199 13.33 1.09 -2.58
N ALA B 200 14.67 0.99 -2.58
CA ALA B 200 15.52 2.12 -2.92
C ALA B 200 15.43 2.50 -4.39
N SER B 201 14.77 1.69 -5.22
CA SER B 201 14.55 2.04 -6.62
C SER B 201 13.41 3.02 -6.81
N GLY B 202 12.70 3.39 -5.74
CA GLY B 202 11.59 4.32 -5.83
C GLY B 202 12.02 5.78 -5.80
N GLY B 203 11.13 6.64 -5.34
CA GLY B 203 11.39 8.06 -5.30
C GLY B 203 12.33 8.44 -4.17
N ASN B 204 12.59 9.75 -4.09
CA ASN B 204 13.51 10.27 -3.08
C ASN B 204 12.99 10.01 -1.67
N GLU B 205 11.67 10.09 -1.48
N GLU B 205 11.67 10.10 -1.48
CA GLU B 205 11.09 9.85 -0.17
CA GLU B 205 11.11 9.84 -0.15
C GLU B 205 11.17 8.39 0.22
C GLU B 205 11.20 8.38 0.23
N GLN B 206 11.06 7.47 -0.75
CA GLN B 206 11.22 6.05 -0.45
C GLN B 206 12.67 5.73 -0.11
N ILE B 207 13.61 6.40 -0.78
CA ILE B 207 15.02 6.22 -0.47
C ILE B 207 15.35 6.77 0.91
N GLN B 208 14.78 7.94 1.25
CA GLN B 208 15.06 8.53 2.55
C GLN B 208 14.54 7.68 3.69
N ALA B 209 13.43 6.97 3.49
CA ALA B 209 12.92 6.07 4.52
C ALA B 209 13.90 4.93 4.78
N VAL B 210 14.56 4.45 3.72
CA VAL B 210 15.59 3.43 3.90
C VAL B 210 16.78 4.01 4.68
N ILE B 211 17.16 5.25 4.37
CA ILE B 211 18.23 5.90 5.10
C ILE B 211 17.83 6.16 6.55
N ASP B 212 16.60 6.63 6.76
CA ASP B 212 16.14 6.91 8.12
C ASP B 212 16.02 5.64 8.96
N ALA B 213 15.82 4.50 8.32
CA ALA B 213 15.76 3.23 9.04
C ALA B 213 17.13 2.73 9.48
N GLY B 214 18.21 3.38 9.04
CA GLY B 214 19.54 3.03 9.48
C GLY B 214 20.26 2.02 8.61
N ALA B 215 19.96 1.97 7.32
CA ALA B 215 20.54 0.95 6.45
C ALA B 215 21.95 1.29 5.99
N LEU B 216 22.33 2.57 5.98
CA LEU B 216 23.58 2.97 5.35
C LEU B 216 24.83 2.38 6.01
N PRO B 217 25.01 2.42 7.35
CA PRO B 217 26.25 1.87 7.91
C PRO B 217 26.45 0.40 7.62
N ALA B 218 25.38 -0.39 7.60
CA ALA B 218 25.52 -1.81 7.29
C ALA B 218 25.85 -2.02 5.82
N LEU B 219 25.28 -1.20 4.93
CA LEU B 219 25.54 -1.35 3.51
C LEU B 219 27.00 -1.04 3.18
N VAL B 220 27.52 0.06 3.73
CA VAL B 220 28.94 0.39 3.52
C VAL B 220 29.83 -0.69 4.13
N GLN B 221 29.39 -1.29 5.23
CA GLN B 221 30.14 -2.41 5.82
C GLN B 221 30.16 -3.61 4.88
N LEU B 222 29.02 -3.92 4.26
CA LEU B 222 28.93 -5.03 3.33
C LEU B 222 29.68 -4.77 2.03
N LEU B 223 30.12 -3.53 1.78
CA LEU B 223 30.96 -3.27 0.61
C LEU B 223 32.33 -3.91 0.76
N SER B 224 32.72 -4.33 1.96
CA SER B 224 33.95 -5.06 2.21
C SER B 224 33.69 -6.50 2.63
N SER B 225 32.51 -7.02 2.31
CA SER B 225 32.20 -8.41 2.64
C SER B 225 33.13 -9.36 1.90
N PRO B 226 33.66 -10.38 2.57
CA PRO B 226 34.48 -11.38 1.86
C PRO B 226 33.67 -12.23 0.90
N ASN B 227 32.34 -12.23 1.02
CA ASN B 227 31.47 -12.88 0.04
C ASN B 227 31.28 -11.93 -1.13
N GLU B 228 31.80 -12.30 -2.30
CA GLU B 228 31.79 -11.39 -3.45
C GLU B 228 30.38 -11.12 -3.96
N GLN B 229 29.48 -12.11 -3.87
CA GLN B 229 28.11 -11.87 -4.29
C GLN B 229 27.42 -10.87 -3.38
N ILE B 230 27.63 -11.00 -2.06
CA ILE B 230 27.05 -10.05 -1.11
C ILE B 230 27.56 -8.65 -1.39
N LEU B 231 28.84 -8.51 -1.72
CA LEU B 231 29.40 -7.22 -2.09
C LEU B 231 28.64 -6.61 -3.27
N GLN B 232 28.35 -7.41 -4.29
CA GLN B 232 27.63 -6.90 -5.45
C GLN B 232 26.20 -6.55 -5.12
N GLU B 233 25.56 -7.30 -4.22
CA GLU B 233 24.18 -6.98 -3.84
C GLU B 233 24.11 -5.69 -3.04
N ALA B 234 25.06 -5.49 -2.11
CA ALA B 234 25.08 -4.26 -1.32
C ALA B 234 25.50 -3.08 -2.18
N LEU B 235 26.43 -3.28 -3.11
CA LEU B 235 26.81 -2.22 -4.04
C LEU B 235 25.65 -1.83 -4.95
N TRP B 236 24.86 -2.82 -5.38
CA TRP B 236 23.68 -2.54 -6.18
C TRP B 236 22.67 -1.72 -5.40
N ALA B 237 22.48 -2.04 -4.11
CA ALA B 237 21.56 -1.27 -3.28
C ALA B 237 22.01 0.17 -3.12
N LEU B 238 23.31 0.38 -2.86
CA LEU B 238 23.82 1.73 -2.67
C LEU B 238 23.75 2.54 -3.96
N SER B 239 23.92 1.90 -5.12
CA SER B 239 23.82 2.62 -6.38
C SER B 239 22.39 3.10 -6.61
N ASN B 240 21.39 2.33 -6.16
CA ASN B 240 20.01 2.79 -6.24
C ASN B 240 19.77 3.95 -5.28
N ILE B 241 20.31 3.83 -4.06
CA ILE B 241 20.18 4.92 -3.08
C ILE B 241 20.86 6.18 -3.59
N ALA B 242 22.02 6.03 -4.23
CA ALA B 242 22.73 7.18 -4.79
C ALA B 242 21.93 7.86 -5.89
N SER B 243 20.94 7.18 -6.46
CA SER B 243 20.07 7.77 -7.48
C SER B 243 18.90 8.53 -6.87
N GLY B 244 19.12 9.18 -5.73
CA GLY B 244 18.14 10.01 -5.11
C GLY B 244 18.45 11.47 -5.25
N GLY B 245 17.88 12.28 -4.36
CA GLY B 245 18.18 13.68 -4.33
C GLY B 245 19.47 13.99 -3.60
N ASN B 246 19.80 15.29 -3.57
CA ASN B 246 21.03 15.71 -2.89
C ASN B 246 20.97 15.41 -1.39
N GLU B 247 19.77 15.43 -0.81
CA GLU B 247 19.63 15.02 0.59
C GLU B 247 20.02 13.56 0.78
N GLN B 248 19.65 12.70 -0.17
CA GLN B 248 20.03 11.30 -0.10
C GLN B 248 21.50 11.09 -0.47
N LYS B 249 21.99 11.83 -1.45
CA LYS B 249 23.40 11.73 -1.82
C LYS B 249 24.30 12.14 -0.66
N GLN B 250 23.92 13.21 0.05
CA GLN B 250 24.74 13.67 1.16
C GLN B 250 24.78 12.67 2.31
N ALA B 251 23.67 11.95 2.53
CA ALA B 251 23.67 10.93 3.56
C ALA B 251 24.62 9.78 3.21
N VAL B 252 24.66 9.40 1.94
CA VAL B 252 25.57 8.34 1.51
C VAL B 252 27.02 8.80 1.63
N LYS B 253 27.29 10.05 1.29
CA LYS B 253 28.66 10.58 1.40
C LYS B 253 29.13 10.58 2.85
N GLU B 254 28.27 11.06 3.76
CA GLU B 254 28.65 11.11 5.17
C GLU B 254 28.71 9.74 5.81
N ALA B 255 28.26 8.69 5.11
CA ALA B 255 28.41 7.32 5.57
C ALA B 255 29.75 6.72 5.18
N GLY B 256 30.56 7.44 4.43
CA GLY B 256 31.88 6.96 4.05
C GLY B 256 31.94 6.14 2.78
N ALA B 257 30.93 6.24 1.91
CA ALA B 257 30.90 5.39 0.73
C ALA B 257 31.87 5.88 -0.36
N LEU B 258 32.25 7.16 -0.35
CA LEU B 258 33.04 7.70 -1.44
C LEU B 258 34.44 7.06 -1.49
N GLU B 259 35.09 6.93 -0.34
CA GLU B 259 36.39 6.25 -0.32
C GLU B 259 36.26 4.80 -0.76
N LYS B 260 35.21 4.12 -0.33
CA LYS B 260 35.10 2.70 -0.65
C LYS B 260 34.75 2.50 -2.11
N LEU B 261 33.88 3.35 -2.67
CA LEU B 261 33.50 3.21 -4.07
C LEU B 261 34.71 3.44 -4.98
N GLU B 262 35.56 4.40 -4.65
CA GLU B 262 36.75 4.64 -5.44
C GLU B 262 37.81 3.58 -5.19
N GLN B 263 37.83 2.98 -4.00
CA GLN B 263 38.70 1.84 -3.75
C GLN B 263 38.26 0.63 -4.56
N LEU B 264 36.95 0.44 -4.74
CA LEU B 264 36.43 -0.66 -5.53
C LEU B 264 36.72 -0.53 -7.02
N GLN B 265 37.31 0.59 -7.46
CA GLN B 265 37.66 0.75 -8.87
C GLN B 265 38.79 -0.19 -9.29
N SER B 266 39.58 -0.68 -8.34
CA SER B 266 40.68 -1.58 -8.62
C SER B 266 40.34 -3.04 -8.35
N HIS B 267 39.07 -3.35 -8.08
CA HIS B 267 38.67 -4.73 -7.84
C HIS B 267 38.87 -5.56 -9.09
N GLU B 268 39.22 -6.83 -8.90
CA GLU B 268 39.46 -7.72 -10.02
C GLU B 268 38.19 -8.00 -10.82
N ASN B 269 37.02 -7.97 -10.16
CA ASN B 269 35.75 -8.21 -10.82
C ASN B 269 35.31 -6.95 -11.56
N GLU B 270 35.22 -7.05 -12.89
CA GLU B 270 34.85 -5.90 -13.71
C GLU B 270 33.45 -5.40 -13.37
N LYS B 271 32.55 -6.28 -12.97
CA LYS B 271 31.19 -5.87 -12.63
C LYS B 271 31.16 -5.03 -11.36
N ILE B 272 32.05 -5.30 -10.41
CA ILE B 272 32.15 -4.48 -9.22
C ILE B 272 32.75 -3.12 -9.57
N GLN B 273 33.69 -3.09 -10.52
N GLN B 273 33.69 -3.09 -10.52
CA GLN B 273 34.29 -1.83 -10.94
CA GLN B 273 34.29 -1.83 -10.95
C GLN B 273 33.26 -0.92 -11.60
C GLN B 273 33.26 -0.92 -11.60
N LYS B 274 32.43 -1.48 -12.49
CA LYS B 274 31.43 -0.68 -13.19
C LYS B 274 30.39 -0.12 -12.24
N GLU B 275 29.82 -0.97 -11.39
CA GLU B 275 28.73 -0.53 -10.51
C GLU B 275 29.22 0.50 -9.50
N ALA B 276 30.45 0.32 -8.98
CA ALA B 276 30.99 1.31 -8.05
C ALA B 276 31.27 2.62 -8.76
N GLN B 277 31.70 2.57 -10.02
N GLN B 277 31.70 2.57 -10.02
CA GLN B 277 31.95 3.79 -10.77
CA GLN B 277 31.95 3.80 -10.76
C GLN B 277 30.66 4.53 -11.06
C GLN B 277 30.65 4.54 -11.07
N GLU B 278 29.59 3.80 -11.41
CA GLU B 278 28.31 4.43 -11.68
C GLU B 278 27.73 5.06 -10.42
N ALA B 279 27.82 4.36 -9.29
CA ALA B 279 27.36 4.94 -8.02
C ALA B 279 28.21 6.14 -7.62
N LEU B 280 29.50 6.11 -7.93
CA LEU B 280 30.36 7.26 -7.63
C LEU B 280 29.91 8.49 -8.40
N GLU B 281 29.66 8.35 -9.70
CA GLU B 281 29.24 9.48 -10.50
C GLU B 281 27.81 9.91 -10.19
N LYS B 282 26.97 9.01 -9.66
CA LYS B 282 25.65 9.40 -9.21
C LYS B 282 25.73 10.32 -8.00
N LEU B 283 26.62 10.00 -7.05
CA LEU B 283 26.74 10.80 -5.84
C LEU B 283 27.26 12.21 -6.14
N GLN B 284 28.07 12.36 -7.18
CA GLN B 284 28.58 13.65 -7.62
C GLN B 284 27.69 14.29 -8.68
N SER B 285 26.46 13.80 -8.84
CA SER B 285 25.54 14.33 -9.85
C SER B 285 24.26 14.82 -9.19
N LYS C 1 6.14 14.87 -2.22
CA LYS C 1 5.58 14.12 -1.10
C LYS C 1 4.89 12.84 -1.57
N ARG C 2 4.91 11.84 -0.71
CA ARG C 2 4.18 10.59 -0.95
C ARG C 2 2.69 10.79 -0.69
N LYS C 3 1.91 9.77 -1.04
CA LYS C 3 0.51 9.74 -0.67
C LYS C 3 0.37 9.22 0.75
N ARG C 4 -0.34 9.97 1.59
CA ARG C 4 -0.41 9.70 3.02
C ARG C 4 -1.81 9.25 3.38
N LYS C 5 -1.92 8.05 3.96
CA LYS C 5 -3.16 7.52 4.47
C LYS C 5 -3.18 7.66 6.00
N ARG C 6 -4.38 7.72 6.56
CA ARG C 6 -4.54 7.93 8.00
C ARG C 6 -5.68 7.07 8.52
N LYS C 7 -5.37 6.16 9.44
CA LYS C 7 -6.35 5.40 10.18
C LYS C 7 -6.49 5.96 11.59
N ARG C 8 -7.71 5.87 12.12
N ARG C 8 -7.71 5.88 12.14
CA ARG C 8 -8.03 6.38 13.45
CA ARG C 8 -7.97 6.39 13.48
C ARG C 8 -8.82 5.33 14.21
C ARG C 8 -8.86 5.43 14.23
N LYS C 9 -8.47 5.11 15.46
CA LYS C 9 -9.23 4.22 16.34
C LYS C 9 -9.93 5.03 17.42
N LEU C 10 -11.11 4.56 17.82
CA LEU C 10 -11.92 5.22 18.83
C LEU C 10 -11.69 4.57 20.19
N SER C 11 -11.72 5.41 21.23
CA SER C 11 -11.48 4.95 22.60
C SER C 11 -12.74 4.93 23.46
N PHE C 12 -13.87 5.41 22.96
CA PHE C 12 -15.11 5.40 23.73
C PHE C 12 -15.83 4.06 23.59
N LYS D 1 17.25 -1.99 -16.17
CA LYS D 1 16.41 -1.33 -15.17
C LYS D 1 16.90 -1.67 -13.76
N ARG D 2 16.49 -0.85 -12.80
CA ARG D 2 16.95 -0.98 -11.41
C ARG D 2 15.97 -1.74 -10.53
N LYS D 3 14.88 -2.25 -11.08
CA LYS D 3 13.91 -3.05 -10.34
C LYS D 3 14.02 -4.50 -10.78
N ARG D 4 13.94 -5.42 -9.81
CA ARG D 4 14.17 -6.83 -10.06
C ARG D 4 12.91 -7.62 -9.69
N LYS D 5 12.29 -8.23 -10.69
CA LYS D 5 11.15 -9.13 -10.51
C LYS D 5 11.64 -10.55 -10.73
N ARG D 6 11.51 -11.39 -9.71
CA ARG D 6 12.13 -12.72 -9.70
C ARG D 6 11.04 -13.79 -9.68
N LYS D 7 11.01 -14.61 -10.71
CA LYS D 7 10.10 -15.74 -10.82
C LYS D 7 10.81 -17.04 -10.48
N ARG D 8 10.02 -18.06 -10.14
CA ARG D 8 10.55 -19.38 -9.82
C ARG D 8 9.60 -20.44 -10.36
N LYS D 9 10.17 -21.44 -11.03
CA LYS D 9 9.40 -22.55 -11.56
C LYS D 9 9.59 -23.80 -10.71
N LEU D 10 8.59 -24.65 -10.72
CA LEU D 10 8.70 -26.00 -10.18
C LEU D 10 8.76 -26.98 -11.35
N SER D 11 9.77 -27.86 -11.34
CA SER D 11 9.95 -28.78 -12.46
C SER D 11 8.71 -29.63 -12.69
N PHE D 12 7.93 -29.88 -11.64
CA PHE D 12 6.63 -30.52 -11.77
C PHE D 12 5.76 -30.23 -10.55
#